data_7V6H
#
_entry.id   7V6H
#
_cell.length_a   177.351
_cell.length_b   177.351
_cell.length_c   116.252
_cell.angle_alpha   90.00
_cell.angle_beta   90.00
_cell.angle_gamma   120.00
#
_symmetry.space_group_name_H-M   'H 3 2'
#
loop_
_entity.id
_entity.type
_entity.pdbx_description
1 polymer 'Cyclopropane fatty-acyl-phospholipid synthase-like methyltransferase'
2 non-polymer S-ADENOSYL-L-HOMOCYSTEINE
#
_entity_poly.entity_id   1
_entity_poly.type   'polypeptide(L)'
_entity_poly.pdbx_seq_one_letter_code
;MVESIFDALAHGRPLHHGYWAGGYREDAGATPWSDAADQLTDLFIDKAALRPGAHLFDLGCGNGQPVVRAACASGVRVTG
ITVNAQHLAAATRLANETGLAGSLEFDLVDGAQLPYPDGFFQAAWAMQSVVQIVDQAAAIREVHRILEPGGRFVLGDIIT
RVRLPEEYAAVWTGTTAHTLNSFTALVSEAGFEILEVTDLTAQTRCMVSWYVDELLRKLDELAGVEPAAVGTYQQRYLGD
IAAKHGPGPAQLIAAVAEYRKHPDYARNEESMGFMLLQARKKQS
;
_entity_poly.pdbx_strand_id   A,B
#
# COMPACT_ATOMS: atom_id res chain seq x y z
N MET A 1 -18.88 -6.05 -18.87
CA MET A 1 -17.83 -6.98 -18.41
C MET A 1 -17.42 -8.04 -19.42
N VAL A 2 -16.12 -8.14 -19.68
CA VAL A 2 -15.54 -9.17 -20.55
C VAL A 2 -14.35 -9.79 -19.84
N GLU A 3 -14.41 -11.10 -19.65
CA GLU A 3 -13.34 -11.83 -19.00
C GLU A 3 -12.50 -12.53 -20.04
N SER A 4 -11.23 -12.69 -19.71
CA SER A 4 -10.41 -13.63 -20.44
C SER A 4 -11.15 -14.96 -20.55
N ILE A 5 -11.07 -15.55 -21.74
CA ILE A 5 -11.84 -16.76 -21.98
C ILE A 5 -11.34 -17.90 -21.09
N PHE A 6 -10.08 -17.88 -20.69
CA PHE A 6 -9.64 -18.85 -19.68
C PHE A 6 -10.41 -18.65 -18.38
N ASP A 7 -10.44 -17.41 -17.88
CA ASP A 7 -11.21 -17.13 -16.67
C ASP A 7 -12.68 -17.49 -16.87
N ALA A 8 -13.21 -17.19 -18.06
CA ALA A 8 -14.60 -17.49 -18.38
C ALA A 8 -14.90 -18.99 -18.29
N LEU A 9 -13.96 -19.86 -18.72
CA LEU A 9 -14.22 -21.29 -18.67
C LEU A 9 -14.01 -21.86 -17.27
N ALA A 10 -12.99 -21.37 -16.57
CA ALA A 10 -12.81 -21.77 -15.17
C ALA A 10 -14.05 -21.50 -14.36
N HIS A 11 -14.77 -20.44 -14.70
CA HIS A 11 -16.11 -20.21 -14.20
C HIS A 11 -16.15 -20.34 -12.68
N GLY A 12 -15.18 -19.70 -12.02
CA GLY A 12 -15.21 -19.56 -10.59
C GLY A 12 -14.41 -20.59 -9.82
N ARG A 13 -14.13 -21.73 -10.42
CA ARG A 13 -13.24 -22.70 -9.82
C ARG A 13 -11.80 -22.28 -10.20
N PRO A 14 -10.75 -22.94 -9.69
CA PRO A 14 -9.42 -22.29 -9.66
C PRO A 14 -8.68 -22.25 -10.99
N LEU A 15 -7.70 -21.33 -11.04
CA LEU A 15 -6.91 -21.02 -12.23
C LEU A 15 -5.57 -21.76 -12.29
N HIS A 16 -5.36 -22.78 -11.47
CA HIS A 16 -4.15 -23.58 -11.57
C HIS A 16 -4.40 -24.96 -12.20
N HIS A 17 -3.31 -25.74 -12.29
CA HIS A 17 -3.33 -27.10 -12.80
C HIS A 17 -4.13 -28.02 -11.91
N GLY A 18 -4.58 -29.11 -12.52
CA GLY A 18 -5.17 -30.20 -11.76
C GLY A 18 -4.03 -31.06 -11.26
N TYR A 19 -4.17 -31.56 -10.04
CA TYR A 19 -3.16 -32.45 -9.48
C TYR A 19 -3.79 -33.80 -9.24
N TRP A 20 -3.34 -34.81 -9.96
CA TRP A 20 -3.91 -36.14 -9.77
C TRP A 20 -2.76 -36.92 -9.18
N ALA A 21 -2.82 -37.18 -7.88
CA ALA A 21 -1.75 -37.95 -7.25
C ALA A 21 -1.55 -39.29 -7.98
N GLY A 22 -0.30 -39.68 -8.17
CA GLY A 22 -0.03 -40.89 -8.93
C GLY A 22 -0.57 -40.90 -10.34
N GLY A 23 -0.28 -39.86 -11.09
CA GLY A 23 -0.42 -39.84 -12.53
C GLY A 23 -1.79 -39.48 -13.05
N TYR A 24 -1.78 -38.73 -14.15
CA TYR A 24 -3.01 -38.28 -14.80
C TYR A 24 -3.57 -39.35 -15.74
N ARG A 25 -2.73 -39.89 -16.65
CA ARG A 25 -3.23 -40.95 -17.51
C ARG A 25 -3.53 -42.19 -16.70
N GLU A 26 -2.74 -42.41 -15.63
CA GLU A 26 -3.02 -43.52 -14.74
C GLU A 26 -4.45 -43.42 -14.22
N ASP A 27 -4.86 -42.22 -13.80
CA ASP A 27 -6.21 -42.02 -13.28
C ASP A 27 -7.27 -42.16 -14.38
N ALA A 28 -6.85 -42.08 -15.65
CA ALA A 28 -7.72 -42.30 -16.81
C ALA A 28 -9.01 -41.51 -16.69
N GLY A 29 -8.95 -40.35 -16.06
CA GLY A 29 -10.14 -39.54 -15.88
C GLY A 29 -11.25 -40.18 -15.08
N ALA A 30 -10.93 -40.83 -13.96
CA ALA A 30 -11.98 -41.09 -12.99
C ALA A 30 -12.12 -39.96 -11.99
N THR A 31 -11.11 -39.07 -11.95
CA THR A 31 -11.06 -37.88 -11.11
C THR A 31 -10.99 -36.68 -12.03
N PRO A 32 -11.92 -35.73 -11.97
CA PRO A 32 -11.90 -34.57 -12.89
C PRO A 32 -10.94 -33.45 -12.50
N TRP A 33 -10.61 -32.63 -13.51
CA TRP A 33 -9.88 -31.39 -13.24
C TRP A 33 -10.54 -30.59 -12.13
N SER A 34 -11.86 -30.37 -12.21
CA SER A 34 -12.50 -29.49 -11.24
C SER A 34 -12.12 -29.90 -9.82
N ASP A 35 -11.98 -31.22 -9.59
CA ASP A 35 -11.56 -31.75 -8.30
C ASP A 35 -10.05 -31.76 -8.13
N ALA A 36 -9.32 -32.10 -9.18
CA ALA A 36 -7.86 -32.18 -9.09
C ALA A 36 -7.22 -30.82 -8.80
N ALA A 37 -7.80 -29.74 -9.29
CA ALA A 37 -7.28 -28.44 -8.97
C ALA A 37 -7.37 -28.21 -7.48
N ASP A 38 -8.50 -28.60 -6.90
CA ASP A 38 -8.64 -28.52 -5.45
C ASP A 38 -7.65 -29.44 -4.76
N GLN A 39 -7.37 -30.61 -5.34
CA GLN A 39 -6.33 -31.47 -4.77
C GLN A 39 -4.99 -30.76 -4.73
N LEU A 40 -4.65 -30.04 -5.81
CA LEU A 40 -3.39 -29.28 -5.82
C LEU A 40 -3.40 -28.20 -4.74
N THR A 41 -4.54 -27.51 -4.57
CA THR A 41 -4.64 -26.54 -3.49
C THR A 41 -4.35 -27.19 -2.14
N ASP A 42 -5.09 -28.27 -1.82
CA ASP A 42 -4.86 -29.00 -0.58
C ASP A 42 -3.40 -29.37 -0.44
N LEU A 43 -2.72 -29.54 -1.57
CA LEU A 43 -1.30 -29.84 -1.53
C LEU A 43 -0.49 -28.64 -1.03
N PHE A 44 -0.77 -27.42 -1.51
CA PHE A 44 -0.06 -26.27 -0.92
C PHE A 44 -0.39 -26.11 0.56
N ILE A 45 -1.64 -26.40 0.92
CA ILE A 45 -2.04 -26.36 2.33
C ILE A 45 -1.17 -27.26 3.16
N ASP A 46 -1.05 -28.52 2.75
CA ASP A 46 -0.32 -29.50 3.55
C ASP A 46 1.12 -29.09 3.76
N LYS A 47 1.72 -28.46 2.75
CA LYS A 47 3.14 -28.23 2.74
C LYS A 47 3.59 -26.86 3.21
N ALA A 48 2.68 -25.96 3.58
CA ALA A 48 3.20 -24.72 4.12
C ALA A 48 2.70 -24.44 5.52
N ALA A 49 1.51 -23.83 5.62
CA ALA A 49 0.95 -23.38 6.89
C ALA A 49 -0.07 -24.41 7.27
N LEU A 50 0.33 -25.28 8.13
CA LEU A 50 -0.56 -26.33 8.54
C LEU A 50 -1.43 -25.82 9.67
N ARG A 51 -1.08 -24.64 10.18
CA ARG A 51 -1.39 -24.07 11.48
C ARG A 51 -2.63 -23.17 11.44
N PRO A 52 -3.62 -23.42 12.30
CA PRO A 52 -4.78 -22.53 12.40
C PRO A 52 -4.48 -21.28 13.22
N GLY A 53 -5.12 -20.18 12.83
CA GLY A 53 -4.83 -18.88 13.37
C GLY A 53 -3.67 -18.18 12.70
N ALA A 54 -2.85 -18.93 11.96
CA ALA A 54 -1.66 -18.37 11.37
C ALA A 54 -2.05 -17.43 10.23
N HIS A 55 -1.05 -16.76 9.66
CA HIS A 55 -1.34 -15.83 8.58
C HIS A 55 -0.54 -16.19 7.33
N LEU A 56 -1.26 -16.15 6.21
CA LEU A 56 -0.81 -16.63 4.92
C LEU A 56 -0.78 -15.50 3.92
N PHE A 57 0.39 -15.30 3.30
CA PHE A 57 0.47 -14.38 2.17
C PHE A 57 0.33 -15.18 0.87
N ASP A 58 -0.71 -14.85 0.09
CA ASP A 58 -0.93 -15.44 -1.24
C ASP A 58 -0.45 -14.46 -2.32
N LEU A 59 0.52 -14.91 -3.13
CA LEU A 59 1.04 -13.99 -4.12
C LEU A 59 0.13 -13.91 -5.34
N GLY A 60 0.11 -14.88 -6.26
CA GLY A 60 -1.00 -14.75 -7.21
C GLY A 60 -2.29 -15.24 -6.62
N CYS A 61 -3.27 -14.37 -6.30
CA CYS A 61 -4.49 -14.87 -5.64
C CYS A 61 -5.56 -15.29 -6.63
N GLY A 62 -5.53 -14.71 -7.81
CA GLY A 62 -6.48 -15.05 -8.84
C GLY A 62 -7.90 -15.06 -8.35
N ASN A 63 -8.58 -16.13 -8.74
CA ASN A 63 -9.99 -16.34 -8.51
C ASN A 63 -10.36 -16.10 -7.07
N GLY A 64 -9.44 -16.43 -6.16
CA GLY A 64 -9.71 -16.46 -4.76
C GLY A 64 -10.22 -17.79 -4.26
N GLN A 65 -10.74 -18.65 -5.15
CA GLN A 65 -11.23 -19.93 -4.65
C GLN A 65 -10.20 -20.67 -3.79
N PRO A 66 -9.00 -20.99 -4.30
CA PRO A 66 -8.09 -21.81 -3.48
C PRO A 66 -7.77 -21.20 -2.12
N VAL A 67 -7.54 -19.88 -2.06
CA VAL A 67 -7.39 -19.17 -0.77
C VAL A 67 -8.53 -19.50 0.19
N VAL A 68 -9.76 -19.43 -0.30
CA VAL A 68 -10.90 -19.67 0.57
C VAL A 68 -10.95 -21.13 1.03
N ARG A 69 -10.64 -22.08 0.14
CA ARG A 69 -10.57 -23.47 0.59
C ARG A 69 -9.53 -23.66 1.70
N ALA A 70 -8.43 -22.92 1.65
CA ALA A 70 -7.42 -23.05 2.69
C ALA A 70 -7.82 -22.36 4.00
N ALA A 71 -8.52 -21.23 3.92
CA ALA A 71 -8.95 -20.56 5.14
C ALA A 71 -10.06 -21.31 5.85
N CYS A 72 -10.87 -22.09 5.11
CA CYS A 72 -11.83 -22.99 5.73
C CYS A 72 -11.11 -24.18 6.33
N ALA A 73 -10.52 -24.99 5.47
CA ALA A 73 -9.95 -26.24 5.90
C ALA A 73 -8.99 -26.03 7.08
N SER A 74 -7.97 -25.18 6.90
CA SER A 74 -6.92 -25.01 7.90
C SER A 74 -7.22 -23.91 8.90
N GLY A 75 -8.26 -23.10 8.67
CA GLY A 75 -8.60 -22.03 9.59
C GLY A 75 -7.52 -20.97 9.67
N VAL A 76 -7.13 -20.43 8.51
CA VAL A 76 -6.00 -19.52 8.44
C VAL A 76 -6.53 -18.16 8.03
N ARG A 77 -5.85 -17.11 8.44
CA ARG A 77 -6.13 -15.80 7.89
C ARG A 77 -5.26 -15.61 6.64
N VAL A 78 -5.82 -14.93 5.65
CA VAL A 78 -5.22 -14.83 4.32
C VAL A 78 -5.16 -13.39 3.86
N THR A 79 -4.03 -13.01 3.29
CA THR A 79 -3.95 -11.77 2.51
C THR A 79 -3.36 -12.12 1.15
N GLY A 80 -4.22 -12.12 0.09
CA GLY A 80 -3.76 -12.31 -1.27
C GLY A 80 -3.71 -11.02 -2.09
N ILE A 81 -2.87 -11.02 -3.13
CA ILE A 81 -2.80 -9.85 -4.00
C ILE A 81 -2.89 -10.26 -5.46
N THR A 82 -3.25 -9.28 -6.27
CA THR A 82 -3.40 -9.48 -7.71
C THR A 82 -3.23 -8.13 -8.38
N VAL A 83 -2.83 -8.16 -9.65
CA VAL A 83 -2.93 -6.97 -10.48
C VAL A 83 -4.13 -7.02 -11.44
N ASN A 84 -4.86 -8.12 -11.45
CA ASN A 84 -5.96 -8.25 -12.38
C ASN A 84 -7.20 -7.78 -11.64
N ALA A 85 -7.71 -6.63 -12.07
CA ALA A 85 -8.75 -5.94 -11.31
C ALA A 85 -9.97 -6.82 -11.15
N GLN A 86 -10.29 -7.63 -12.17
CA GLN A 86 -11.46 -8.50 -12.13
C GLN A 86 -11.27 -9.73 -11.22
N HIS A 87 -10.01 -10.18 -11.05
CA HIS A 87 -9.70 -11.24 -10.09
C HIS A 87 -9.94 -10.78 -8.65
N LEU A 88 -9.37 -9.62 -8.30
CA LEU A 88 -9.59 -8.98 -7.00
C LEU A 88 -11.06 -8.93 -6.66
N ALA A 89 -11.90 -8.61 -7.63
CA ALA A 89 -13.32 -8.51 -7.38
C ALA A 89 -13.91 -9.90 -7.12
N ALA A 90 -13.66 -10.86 -8.02
CA ALA A 90 -14.21 -12.19 -7.81
C ALA A 90 -13.82 -12.74 -6.44
N ALA A 91 -12.55 -12.56 -6.04
CA ALA A 91 -12.06 -13.04 -4.76
C ALA A 91 -12.74 -12.32 -3.58
N THR A 92 -12.80 -10.98 -3.62
CA THR A 92 -13.42 -10.23 -2.51
C THR A 92 -14.89 -10.62 -2.36
N ARG A 93 -15.61 -10.62 -3.48
CA ARG A 93 -17.02 -11.00 -3.49
C ARG A 93 -17.18 -12.39 -2.88
N LEU A 94 -16.37 -13.35 -3.34
CA LEU A 94 -16.46 -14.70 -2.80
C LEU A 94 -16.20 -14.72 -1.30
N ALA A 95 -15.24 -13.91 -0.85
CA ALA A 95 -14.94 -13.80 0.58
C ALA A 95 -16.16 -13.31 1.36
N ASN A 96 -16.82 -12.27 0.85
CA ASN A 96 -18.01 -11.77 1.53
C ASN A 96 -19.07 -12.86 1.56
N GLU A 97 -19.25 -13.56 0.43
CA GLU A 97 -20.35 -14.51 0.29
C GLU A 97 -20.21 -15.72 1.20
N THR A 98 -19.03 -15.97 1.74
CA THR A 98 -18.82 -17.09 2.65
C THR A 98 -18.77 -16.70 4.13
N GLY A 99 -18.99 -15.44 4.49
CA GLY A 99 -18.78 -15.04 5.88
C GLY A 99 -17.34 -14.99 6.30
N LEU A 100 -16.43 -15.13 5.36
CA LEU A 100 -15.00 -15.06 5.61
C LEU A 100 -14.45 -13.66 5.38
N ALA A 101 -15.34 -12.71 5.13
CA ALA A 101 -14.88 -11.35 4.83
C ALA A 101 -14.00 -10.78 5.93
N GLY A 102 -14.07 -11.32 7.14
CA GLY A 102 -13.35 -10.71 8.23
C GLY A 102 -11.94 -11.21 8.44
N SER A 103 -11.66 -12.45 8.04
CA SER A 103 -10.31 -12.96 8.20
C SER A 103 -9.47 -12.59 6.99
N LEU A 104 -9.86 -13.06 5.81
CA LEU A 104 -9.09 -12.91 4.59
C LEU A 104 -9.49 -11.68 3.79
N GLU A 105 -8.50 -10.83 3.50
CA GLU A 105 -8.63 -9.58 2.76
C GLU A 105 -7.80 -9.68 1.48
N PHE A 106 -8.30 -9.09 0.38
CA PHE A 106 -7.59 -9.00 -0.88
C PHE A 106 -7.30 -7.55 -1.26
N ASP A 107 -6.11 -7.29 -1.82
CA ASP A 107 -5.71 -5.94 -2.19
C ASP A 107 -4.96 -5.99 -3.51
N LEU A 108 -5.32 -5.10 -4.43
CA LEU A 108 -4.68 -5.07 -5.74
C LEU A 108 -3.31 -4.41 -5.55
N VAL A 109 -2.24 -5.17 -5.74
CA VAL A 109 -0.88 -4.74 -5.42
C VAL A 109 0.08 -5.40 -6.38
N ASP A 110 1.05 -4.64 -6.88
CA ASP A 110 2.20 -5.23 -7.56
C ASP A 110 3.01 -6.00 -6.54
N GLY A 111 3.30 -7.26 -6.85
CA GLY A 111 4.01 -8.12 -5.93
C GLY A 111 5.50 -7.89 -5.85
N ALA A 112 6.04 -6.97 -6.64
CA ALA A 112 7.47 -6.69 -6.53
C ALA A 112 7.76 -5.83 -5.29
N GLN A 113 6.90 -4.84 -4.99
CA GLN A 113 7.03 -3.98 -3.82
C GLN A 113 5.76 -4.12 -2.97
N LEU A 114 5.90 -4.77 -1.76
CA LEU A 114 4.82 -5.12 -0.83
C LEU A 114 4.75 -4.14 0.34
N PRO A 115 3.57 -3.60 0.64
CA PRO A 115 3.43 -2.67 1.77
C PRO A 115 3.64 -3.30 3.13
N TYR A 116 3.43 -4.60 3.26
CA TYR A 116 3.45 -5.29 4.55
C TYR A 116 4.79 -5.13 5.27
N PRO A 117 4.78 -5.22 6.60
CA PRO A 117 6.03 -5.09 7.36
C PRO A 117 6.86 -6.36 7.27
N ASP A 118 8.11 -6.25 7.71
CA ASP A 118 8.98 -7.41 7.70
C ASP A 118 8.46 -8.46 8.69
N GLY A 119 8.73 -9.72 8.38
CA GLY A 119 8.46 -10.81 9.31
C GLY A 119 7.03 -10.94 9.78
N PHE A 120 6.08 -10.67 8.90
CA PHE A 120 4.68 -10.66 9.29
C PHE A 120 4.06 -12.05 9.12
N PHE A 121 4.05 -12.58 7.90
CA PHE A 121 3.27 -13.78 7.64
C PHE A 121 3.99 -15.03 8.14
N GLN A 122 3.19 -16.04 8.47
CA GLN A 122 3.68 -17.37 8.81
C GLN A 122 3.86 -18.29 7.61
N ALA A 123 3.26 -17.95 6.46
CA ALA A 123 3.46 -18.75 5.25
C ALA A 123 3.31 -17.90 4.01
N ALA A 124 3.79 -18.41 2.88
CA ALA A 124 3.53 -17.74 1.61
C ALA A 124 3.25 -18.75 0.50
N TRP A 125 2.49 -18.31 -0.50
CA TRP A 125 2.15 -19.13 -1.65
C TRP A 125 2.48 -18.39 -2.96
N ALA A 126 2.93 -19.12 -3.96
CA ALA A 126 2.72 -18.65 -5.32
C ALA A 126 2.19 -19.82 -6.16
N MET A 127 0.88 -19.81 -6.42
CA MET A 127 0.30 -20.80 -7.32
C MET A 127 0.26 -20.18 -8.72
N GLN A 128 1.17 -20.62 -9.58
CA GLN A 128 1.20 -20.27 -11.02
C GLN A 128 1.10 -18.76 -11.30
N SER A 129 1.54 -17.95 -10.37
CA SER A 129 1.69 -16.52 -10.61
C SER A 129 3.07 -16.15 -11.18
N VAL A 130 4.13 -16.79 -10.70
CA VAL A 130 5.46 -16.20 -10.86
C VAL A 130 5.92 -16.16 -12.32
N VAL A 131 5.44 -17.09 -13.15
CA VAL A 131 5.82 -17.07 -14.56
C VAL A 131 5.36 -15.78 -15.22
N GLN A 132 4.20 -15.27 -14.81
CA GLN A 132 3.65 -14.08 -15.44
C GLN A 132 3.92 -12.78 -14.65
N ILE A 133 4.68 -12.85 -13.54
CA ILE A 133 5.31 -11.66 -12.96
C ILE A 133 6.54 -11.25 -13.77
N VAL A 134 6.71 -9.94 -13.99
CA VAL A 134 7.81 -9.49 -14.82
C VAL A 134 9.12 -9.44 -14.04
N ASP A 135 9.12 -8.80 -12.87
CA ASP A 135 10.35 -8.79 -12.09
C ASP A 135 10.14 -9.83 -11.00
N GLN A 136 10.62 -11.03 -11.28
CA GLN A 136 10.41 -12.19 -10.43
C GLN A 136 11.38 -12.13 -9.29
N ALA A 137 12.64 -11.77 -9.61
CA ALA A 137 13.66 -11.63 -8.60
C ALA A 137 13.19 -10.70 -7.50
N ALA A 138 12.78 -9.49 -7.88
CA ALA A 138 12.29 -8.54 -6.90
C ALA A 138 11.09 -9.11 -6.14
N ALA A 139 10.14 -9.69 -6.89
CA ALA A 139 8.94 -10.21 -6.25
C ALA A 139 9.31 -11.19 -5.13
N ILE A 140 10.29 -12.05 -5.39
CA ILE A 140 10.61 -13.12 -4.47
C ILE A 140 11.50 -12.65 -3.31
N ARG A 141 12.49 -11.78 -3.59
CA ARG A 141 13.20 -11.15 -2.47
C ARG A 141 12.22 -10.47 -1.53
N GLU A 142 11.18 -9.84 -2.09
CA GLU A 142 10.15 -9.22 -1.28
C GLU A 142 9.46 -10.26 -0.41
N VAL A 143 9.06 -11.39 -1.00
CA VAL A 143 8.36 -12.44 -0.24
C VAL A 143 9.24 -13.03 0.84
N HIS A 144 10.55 -13.11 0.58
CA HIS A 144 11.47 -13.50 1.63
C HIS A 144 11.40 -12.51 2.77
N ARG A 145 11.44 -11.22 2.44
CA ARG A 145 11.34 -10.21 3.49
C ARG A 145 10.09 -10.40 4.33
N ILE A 146 8.98 -10.77 3.69
CA ILE A 146 7.67 -10.72 4.32
C ILE A 146 7.46 -11.78 5.40
N LEU A 147 8.09 -12.95 5.28
CA LEU A 147 7.77 -14.06 6.18
C LEU A 147 8.50 -13.94 7.51
N GLU A 148 7.90 -14.57 8.53
CA GLU A 148 8.62 -14.87 9.76
C GLU A 148 9.86 -15.69 9.41
N PRO A 149 10.93 -15.53 10.16
CA PRO A 149 11.93 -16.60 10.23
C PRO A 149 11.21 -17.91 10.54
N GLY A 150 11.57 -18.97 9.79
CA GLY A 150 10.92 -20.27 9.88
C GLY A 150 9.69 -20.45 9.01
N GLY A 151 9.15 -19.37 8.44
CA GLY A 151 7.93 -19.49 7.67
C GLY A 151 8.15 -20.26 6.38
N ARG A 152 7.24 -21.16 6.09
CA ARG A 152 7.39 -21.88 4.85
C ARG A 152 6.82 -21.05 3.71
N PHE A 153 7.38 -21.29 2.53
CA PHE A 153 6.97 -20.65 1.30
C PHE A 153 6.90 -21.70 0.19
N VAL A 154 5.75 -21.79 -0.47
CA VAL A 154 5.45 -22.86 -1.42
C VAL A 154 5.13 -22.24 -2.79
N LEU A 155 6.00 -22.49 -3.77
CA LEU A 155 5.81 -22.01 -5.12
C LEU A 155 5.55 -23.18 -6.07
N GLY A 156 4.68 -23.00 -7.04
CA GLY A 156 4.59 -23.95 -8.12
C GLY A 156 4.10 -23.28 -9.38
N ASP A 157 4.58 -23.78 -10.53
CA ASP A 157 4.29 -23.04 -11.76
C ASP A 157 4.76 -23.90 -12.94
N ILE A 158 4.64 -23.32 -14.10
CA ILE A 158 4.86 -23.98 -15.38
C ILE A 158 6.34 -23.88 -15.72
N ILE A 159 6.90 -24.92 -16.37
CA ILE A 159 8.34 -25.04 -16.69
C ILE A 159 8.49 -25.66 -18.07
N THR A 160 9.75 -25.86 -18.50
CA THR A 160 10.08 -26.44 -19.83
C THR A 160 10.60 -27.91 -19.78
N ALA A 177 8.68 -20.11 -19.43
CA ALA A 177 9.90 -19.32 -19.36
C ALA A 177 11.09 -20.09 -18.73
N HIS A 178 10.89 -20.54 -17.49
CA HIS A 178 11.93 -21.14 -16.64
C HIS A 178 11.94 -22.67 -16.67
N THR A 179 12.90 -23.22 -15.92
CA THR A 179 13.09 -24.64 -15.72
C THR A 179 13.32 -24.92 -14.24
N LEU A 180 13.33 -26.20 -13.89
CA LEU A 180 13.50 -26.60 -12.50
C LEU A 180 14.80 -26.04 -11.91
N ASN A 181 15.90 -26.13 -12.68
CA ASN A 181 17.14 -25.55 -12.21
C ASN A 181 17.00 -24.04 -12.04
N SER A 182 16.44 -23.36 -13.05
CA SER A 182 16.43 -21.90 -13.02
C SER A 182 15.52 -21.37 -11.91
N PHE A 183 14.36 -22.02 -11.65
CA PHE A 183 13.56 -21.66 -10.48
C PHE A 183 14.33 -21.84 -9.18
N THR A 184 14.97 -23.01 -9.00
CA THR A 184 15.70 -23.17 -7.73
C THR A 184 16.74 -22.06 -7.55
N ALA A 185 17.41 -21.67 -8.64
CA ALA A 185 18.33 -20.53 -8.56
C ALA A 185 17.57 -19.28 -8.13
N LEU A 186 16.44 -19.02 -8.78
CA LEU A 186 15.73 -17.78 -8.50
C LEU A 186 15.40 -17.68 -7.02
N VAL A 187 14.95 -18.78 -6.44
CA VAL A 187 14.48 -18.71 -5.06
C VAL A 187 15.60 -18.80 -4.03
N SER A 188 16.66 -19.55 -4.29
CA SER A 188 17.76 -19.49 -3.32
C SER A 188 18.45 -18.15 -3.40
N GLU A 189 18.51 -17.56 -4.59
CA GLU A 189 19.22 -16.31 -4.76
C GLU A 189 18.53 -15.16 -4.05
N ALA A 190 17.33 -15.36 -3.52
CA ALA A 190 16.64 -14.39 -2.66
C ALA A 190 16.81 -14.67 -1.18
N GLY A 191 17.59 -15.69 -0.80
CA GLY A 191 17.88 -15.98 0.60
C GLY A 191 17.23 -17.22 1.17
N PHE A 192 16.30 -17.85 0.44
CA PHE A 192 15.55 -18.96 0.99
C PHE A 192 16.37 -20.24 1.12
N GLU A 193 15.91 -21.09 2.04
CA GLU A 193 16.44 -22.43 2.27
C GLU A 193 15.50 -23.41 1.57
N ILE A 194 15.97 -23.99 0.47
CA ILE A 194 15.14 -24.86 -0.37
C ILE A 194 15.21 -26.24 0.25
N LEU A 195 14.08 -26.75 0.72
CA LEU A 195 14.09 -28.11 1.25
C LEU A 195 13.40 -29.16 0.37
N GLU A 196 12.72 -28.76 -0.70
CA GLU A 196 12.05 -29.75 -1.54
C GLU A 196 11.83 -29.17 -2.92
N VAL A 197 12.02 -29.97 -3.97
CA VAL A 197 11.61 -29.55 -5.32
C VAL A 197 11.21 -30.78 -6.15
N THR A 198 10.13 -30.65 -6.94
CA THR A 198 9.55 -31.79 -7.63
C THR A 198 8.98 -31.43 -8.99
N ASP A 199 9.22 -32.32 -9.97
CA ASP A 199 8.62 -32.23 -11.29
C ASP A 199 7.31 -33.01 -11.23
N LEU A 200 6.20 -32.28 -11.29
CA LEU A 200 4.87 -32.85 -11.24
C LEU A 200 4.25 -33.07 -12.62
N THR A 201 5.02 -32.91 -13.70
CA THR A 201 4.47 -33.02 -15.05
C THR A 201 3.61 -34.26 -15.19
N ALA A 202 4.05 -35.40 -14.66
CA ALA A 202 3.27 -36.63 -14.79
C ALA A 202 1.90 -36.51 -14.12
N GLN A 203 1.83 -35.80 -13.02
CA GLN A 203 0.66 -35.80 -12.16
C GLN A 203 -0.26 -34.59 -12.33
N THR A 204 0.01 -33.70 -13.28
CA THR A 204 -0.77 -32.47 -13.40
C THR A 204 -1.27 -32.26 -14.83
N ARG A 205 -2.40 -31.51 -14.96
CA ARG A 205 -2.85 -31.00 -16.26
C ARG A 205 -3.49 -29.63 -16.17
N CYS A 206 -3.32 -28.92 -17.27
CA CYS A 206 -4.02 -27.70 -17.60
C CYS A 206 -5.53 -27.92 -17.55
N MET A 207 -6.28 -26.92 -17.11
CA MET A 207 -7.74 -26.98 -17.24
C MET A 207 -8.16 -27.31 -18.68
N VAL A 208 -7.69 -26.50 -19.64
CA VAL A 208 -8.10 -26.68 -21.03
C VAL A 208 -7.64 -28.03 -21.57
N SER A 209 -6.38 -28.40 -21.32
CA SER A 209 -5.93 -29.70 -21.80
C SER A 209 -6.85 -30.80 -21.31
N TRP A 210 -7.38 -30.68 -20.09
CA TRP A 210 -8.30 -31.71 -19.58
C TRP A 210 -9.61 -31.74 -20.37
N TYR A 211 -10.31 -30.58 -20.47
CA TYR A 211 -11.55 -30.61 -21.25
C TYR A 211 -11.35 -31.25 -22.63
N VAL A 212 -10.28 -30.85 -23.33
CA VAL A 212 -10.02 -31.43 -24.64
C VAL A 212 -9.75 -32.92 -24.52
N ASP A 213 -9.06 -33.34 -23.46
CA ASP A 213 -8.74 -34.76 -23.30
C ASP A 213 -10.00 -35.58 -23.12
N GLU A 214 -10.90 -35.15 -22.24
CA GLU A 214 -12.18 -35.84 -22.15
C GLU A 214 -12.83 -35.92 -23.52
N LEU A 215 -13.00 -34.76 -24.17
CA LEU A 215 -13.70 -34.76 -25.45
C LEU A 215 -13.13 -35.84 -26.37
N LEU A 216 -11.82 -35.82 -26.60
CA LEU A 216 -11.26 -36.73 -27.58
C LEU A 216 -11.25 -38.18 -27.09
N ARG A 217 -11.17 -38.40 -25.77
CA ARG A 217 -11.30 -39.73 -25.15
C ARG A 217 -12.64 -40.30 -25.59
N LYS A 218 -13.72 -39.66 -25.12
CA LYS A 218 -15.04 -40.19 -25.43
C LYS A 218 -15.29 -40.24 -26.94
N LEU A 219 -14.68 -39.33 -27.71
CA LEU A 219 -14.85 -39.41 -29.16
C LEU A 219 -14.13 -40.60 -29.75
N ASP A 220 -12.99 -41.02 -29.18
CA ASP A 220 -12.28 -42.15 -29.78
C ASP A 220 -12.94 -43.47 -29.36
N GLU A 221 -13.51 -43.50 -28.14
CA GLU A 221 -14.39 -44.57 -27.70
C GLU A 221 -15.60 -44.72 -28.62
N LEU A 222 -16.35 -43.63 -28.81
CA LEU A 222 -17.47 -43.65 -29.75
C LEU A 222 -17.02 -44.04 -31.15
N ALA A 223 -15.82 -43.63 -31.54
CA ALA A 223 -15.34 -43.84 -32.91
C ALA A 223 -15.13 -45.30 -33.21
N GLY A 224 -14.63 -46.06 -32.23
CA GLY A 224 -14.55 -47.49 -32.50
C GLY A 224 -15.90 -48.16 -32.63
N VAL A 225 -16.98 -47.45 -32.31
CA VAL A 225 -18.34 -47.98 -32.36
C VAL A 225 -19.03 -47.50 -33.63
N GLU A 226 -19.49 -46.25 -33.62
CA GLU A 226 -20.09 -45.67 -34.82
C GLU A 226 -19.34 -44.40 -35.20
N PRO A 227 -18.34 -44.50 -36.09
CA PRO A 227 -17.62 -43.30 -36.53
C PRO A 227 -18.54 -42.23 -37.08
N ALA A 228 -19.58 -42.64 -37.79
CA ALA A 228 -20.54 -41.69 -38.32
C ALA A 228 -21.19 -40.84 -37.21
N ALA A 229 -21.11 -41.28 -35.95
CA ALA A 229 -21.71 -40.52 -34.86
C ALA A 229 -20.81 -39.44 -34.32
N VAL A 230 -19.52 -39.50 -34.67
CA VAL A 230 -18.51 -38.70 -33.97
C VAL A 230 -18.84 -37.21 -34.03
N GLY A 231 -18.96 -36.69 -35.25
CA GLY A 231 -19.29 -35.28 -35.39
C GLY A 231 -20.46 -34.88 -34.51
N THR A 232 -21.49 -35.69 -34.51
CA THR A 232 -22.65 -35.37 -33.69
C THR A 232 -22.28 -35.32 -32.21
N TYR A 233 -21.65 -36.37 -31.70
CA TYR A 233 -21.34 -36.40 -30.28
C TYR A 233 -20.47 -35.20 -29.91
N GLN A 234 -19.44 -34.90 -30.72
CA GLN A 234 -18.60 -33.71 -30.51
C GLN A 234 -19.45 -32.47 -30.36
N GLN A 235 -20.33 -32.27 -31.34
CA GLN A 235 -21.20 -31.11 -31.27
C GLN A 235 -22.01 -31.11 -29.98
N ARG A 236 -22.49 -32.28 -29.54
CA ARG A 236 -23.23 -32.34 -28.28
C ARG A 236 -22.35 -31.99 -27.08
N TYR A 237 -21.16 -32.60 -26.98
CA TYR A 237 -20.29 -32.33 -25.83
C TYR A 237 -19.96 -30.84 -25.72
N LEU A 238 -19.57 -30.22 -26.85
CA LEU A 238 -19.39 -28.77 -26.83
C LEU A 238 -20.68 -28.07 -26.37
N GLY A 239 -21.83 -28.55 -26.85
CA GLY A 239 -23.12 -28.04 -26.36
C GLY A 239 -23.24 -28.05 -24.84
N ASP A 240 -22.95 -29.19 -24.21
CA ASP A 240 -23.06 -29.28 -22.74
C ASP A 240 -22.12 -28.27 -22.08
N ILE A 241 -20.86 -28.15 -22.56
CA ILE A 241 -19.96 -27.15 -21.99
C ILE A 241 -20.54 -25.76 -22.17
N ALA A 242 -20.95 -25.43 -23.39
CA ALA A 242 -21.59 -24.15 -23.64
C ALA A 242 -22.72 -23.92 -22.63
N ALA A 243 -23.49 -24.97 -22.33
CA ALA A 243 -24.60 -24.85 -21.38
C ALA A 243 -24.12 -24.48 -19.97
N LYS A 244 -23.10 -25.17 -19.44
CA LYS A 244 -22.70 -24.85 -18.06
C LYS A 244 -21.95 -23.51 -18.00
N HIS A 245 -20.92 -23.35 -18.84
CA HIS A 245 -19.93 -22.27 -18.76
C HIS A 245 -20.10 -21.13 -19.75
N GLY A 246 -21.09 -21.18 -20.63
CA GLY A 246 -21.27 -20.12 -21.57
C GLY A 246 -20.60 -20.52 -22.85
N PRO A 247 -20.93 -19.82 -23.94
CA PRO A 247 -20.42 -20.23 -25.27
C PRO A 247 -18.92 -20.02 -25.49
N GLY A 248 -18.32 -18.96 -24.94
CA GLY A 248 -16.92 -18.69 -25.18
C GLY A 248 -16.05 -19.91 -24.93
N PRO A 249 -16.16 -20.46 -23.71
CA PRO A 249 -15.43 -21.70 -23.40
C PRO A 249 -15.69 -22.86 -24.37
N ALA A 250 -16.96 -23.06 -24.75
CA ALA A 250 -17.23 -24.11 -25.74
C ALA A 250 -16.48 -23.85 -27.06
N GLN A 251 -16.59 -22.62 -27.59
CA GLN A 251 -15.90 -22.28 -28.84
C GLN A 251 -14.40 -22.45 -28.71
N LEU A 252 -13.85 -22.08 -27.57
CA LEU A 252 -12.47 -22.37 -27.22
C LEU A 252 -12.10 -23.84 -27.37
N ILE A 253 -12.69 -24.66 -26.51
CA ILE A 253 -12.37 -26.07 -26.53
C ILE A 253 -12.52 -26.64 -27.93
N ALA A 254 -13.55 -26.22 -28.65
CA ALA A 254 -13.73 -26.70 -30.01
C ALA A 254 -12.46 -26.44 -30.82
N ALA A 255 -11.87 -25.25 -30.64
CA ALA A 255 -10.70 -24.91 -31.46
C ALA A 255 -9.47 -25.73 -31.05
N VAL A 256 -9.23 -25.89 -29.75
CA VAL A 256 -8.10 -26.70 -29.30
C VAL A 256 -8.25 -28.15 -29.80
N ALA A 257 -9.47 -28.69 -29.70
CA ALA A 257 -9.81 -29.98 -30.30
C ALA A 257 -9.36 -30.04 -31.75
N GLU A 258 -9.75 -29.03 -32.57
CA GLU A 258 -9.33 -28.98 -33.98
C GLU A 258 -7.80 -28.99 -34.14
N TYR A 259 -7.04 -28.38 -33.19
CA TYR A 259 -5.58 -28.34 -33.32
C TYR A 259 -4.86 -29.61 -32.87
N ARG A 260 -5.45 -30.39 -31.99
CA ARG A 260 -4.82 -31.65 -31.63
C ARG A 260 -5.24 -32.75 -32.59
N LYS A 261 -6.13 -32.44 -33.53
CA LYS A 261 -6.47 -33.27 -34.68
C LYS A 261 -5.35 -33.24 -35.73
N HIS A 262 -4.30 -32.46 -35.49
CA HIS A 262 -3.12 -32.41 -36.34
C HIS A 262 -1.87 -32.86 -35.58
N PRO A 263 -1.13 -33.85 -36.08
CA PRO A 263 0.10 -34.29 -35.38
C PRO A 263 1.32 -33.37 -35.48
N ASP A 264 1.42 -32.39 -36.40
CA ASP A 264 2.55 -31.45 -36.27
C ASP A 264 2.55 -30.80 -34.89
N TYR A 265 1.43 -30.94 -34.18
CA TYR A 265 1.28 -30.65 -32.77
C TYR A 265 1.88 -31.70 -31.85
N ALA A 266 2.01 -32.96 -32.31
CA ALA A 266 2.04 -34.12 -31.41
C ALA A 266 3.04 -33.99 -30.25
N ARG A 267 4.31 -33.71 -30.54
CA ARG A 267 5.32 -33.72 -29.49
C ARG A 267 5.30 -32.46 -28.63
N ASN A 268 4.58 -31.41 -29.05
CA ASN A 268 4.47 -30.16 -28.29
C ASN A 268 3.69 -30.32 -26.99
N GLU A 269 3.00 -31.43 -26.80
CA GLU A 269 2.23 -31.62 -25.57
C GLU A 269 3.14 -31.49 -24.35
N GLU A 270 4.06 -32.45 -24.14
CA GLU A 270 4.77 -32.50 -22.88
C GLU A 270 5.98 -31.58 -22.83
N SER A 271 6.28 -30.83 -23.89
CA SER A 271 7.35 -29.83 -23.83
C SER A 271 7.09 -28.72 -22.81
N MET A 272 5.89 -28.60 -22.26
CA MET A 272 5.71 -27.86 -21.03
C MET A 272 5.39 -28.83 -19.88
N GLY A 273 5.73 -28.39 -18.66
CA GLY A 273 5.48 -29.20 -17.49
C GLY A 273 5.22 -28.33 -16.27
N PHE A 274 5.06 -28.99 -15.13
CA PHE A 274 4.78 -28.31 -13.88
C PHE A 274 5.80 -28.70 -12.81
N MET A 275 6.08 -27.76 -11.90
CA MET A 275 6.96 -28.07 -10.78
C MET A 275 6.39 -27.46 -9.51
N LEU A 276 6.78 -28.08 -8.38
CA LEU A 276 6.46 -27.60 -7.03
C LEU A 276 7.72 -27.50 -6.20
N LEU A 277 7.91 -26.33 -5.59
CA LEU A 277 9.09 -25.99 -4.79
C LEU A 277 8.65 -25.60 -3.39
N GLN A 278 9.24 -26.27 -2.40
CA GLN A 278 8.98 -25.97 -1.00
C GLN A 278 10.24 -25.42 -0.39
N ALA A 279 10.12 -24.23 0.22
CA ALA A 279 11.24 -23.49 0.79
C ALA A 279 10.89 -23.05 2.20
N ARG A 280 11.92 -22.67 2.95
CA ARG A 280 11.68 -22.14 4.29
C ARG A 280 12.65 -20.99 4.48
N LYS A 281 12.29 -20.05 5.34
CA LYS A 281 13.18 -18.97 5.74
C LYS A 281 13.92 -19.41 7.01
N LYS A 282 15.22 -19.10 7.10
CA LYS A 282 16.01 -19.59 8.25
C LYS A 282 15.57 -18.92 9.57
N GLN A 283 15.88 -19.57 10.70
CA GLN A 283 15.54 -19.03 12.01
C GLN A 283 16.72 -18.33 12.63
N MET B 1 -21.29 20.02 12.83
CA MET B 1 -19.84 20.21 12.79
C MET B 1 -19.22 20.21 11.39
N VAL B 2 -18.46 21.25 11.04
CA VAL B 2 -17.72 21.30 9.77
C VAL B 2 -16.33 21.87 10.01
N GLU B 3 -15.31 21.11 9.62
CA GLU B 3 -13.89 21.45 9.74
C GLU B 3 -13.35 21.88 8.38
N SER B 4 -12.32 22.73 8.37
CA SER B 4 -11.52 22.92 7.15
C SER B 4 -11.02 21.57 6.63
N ILE B 5 -11.02 21.40 5.30
CA ILE B 5 -10.65 20.10 4.71
C ILE B 5 -9.15 19.79 4.90
N PHE B 6 -8.29 20.81 4.97
CA PHE B 6 -6.90 20.53 5.34
C PHE B 6 -6.83 19.96 6.75
N ASP B 7 -7.57 20.57 7.68
CA ASP B 7 -7.66 20.03 9.04
C ASP B 7 -8.26 18.63 9.05
N ALA B 8 -9.35 18.43 8.28
CA ALA B 8 -10.01 17.13 8.24
C ALA B 8 -9.08 16.04 7.77
N LEU B 9 -8.19 16.37 6.83
CA LEU B 9 -7.21 15.42 6.34
C LEU B 9 -6.06 15.22 7.33
N ALA B 10 -5.51 16.29 7.92
CA ALA B 10 -4.53 16.07 8.96
C ALA B 10 -5.11 15.20 10.07
N HIS B 11 -6.40 15.31 10.32
CA HIS B 11 -7.09 14.37 11.21
C HIS B 11 -6.33 14.24 12.52
N GLY B 12 -5.94 15.39 13.08
CA GLY B 12 -5.37 15.48 14.40
C GLY B 12 -3.85 15.55 14.44
N ARG B 13 -3.17 15.07 13.40
CA ARG B 13 -1.73 15.21 13.33
C ARG B 13 -1.40 16.61 12.80
N PRO B 14 -0.15 17.06 12.87
CA PRO B 14 0.11 18.50 12.88
C PRO B 14 -0.01 19.15 11.51
N LEU B 15 -0.24 20.46 11.54
CA LEU B 15 -0.48 21.25 10.34
C LEU B 15 0.83 21.96 10.00
N HIS B 16 1.65 21.35 9.14
CA HIS B 16 2.88 21.98 8.66
C HIS B 16 3.59 20.99 7.78
N HIS B 17 4.61 21.48 7.07
CA HIS B 17 5.27 20.64 6.09
C HIS B 17 5.99 19.48 6.76
N GLY B 18 6.24 18.43 5.98
CA GLY B 18 7.07 17.36 6.46
C GLY B 18 8.54 17.67 6.30
N TYR B 19 9.32 17.31 7.31
CA TYR B 19 10.76 17.49 7.30
C TYR B 19 11.39 16.13 7.19
N TRP B 20 12.05 15.89 6.08
CA TRP B 20 12.67 14.61 5.83
C TRP B 20 14.14 14.99 5.81
N ALA B 21 14.87 14.60 6.86
CA ALA B 21 16.26 15.06 7.01
C ALA B 21 17.07 14.77 5.75
N GLY B 22 17.84 15.76 5.32
CA GLY B 22 18.55 15.65 4.07
C GLY B 22 17.64 15.42 2.88
N GLY B 23 16.62 16.27 2.72
CA GLY B 23 15.82 16.34 1.50
C GLY B 23 14.64 15.38 1.47
N TYR B 24 13.57 15.83 0.82
CA TYR B 24 12.38 14.99 0.69
C TYR B 24 12.53 13.93 -0.39
N ARG B 25 12.99 14.32 -1.58
CA ARG B 25 13.18 13.35 -2.66
C ARG B 25 14.19 12.30 -2.28
N GLU B 26 15.18 12.69 -1.49
CA GLU B 26 16.20 11.79 -0.97
C GLU B 26 15.60 10.57 -0.27
N ASP B 27 14.56 10.76 0.54
CA ASP B 27 13.98 9.66 1.30
C ASP B 27 13.34 8.59 0.40
N ALA B 28 13.05 8.92 -0.87
CA ALA B 28 12.46 7.96 -1.82
C ALA B 28 11.18 7.32 -1.30
N GLY B 29 10.41 8.08 -0.51
CA GLY B 29 9.21 7.52 0.09
C GLY B 29 9.49 6.36 1.01
N ALA B 30 10.51 6.48 1.86
CA ALA B 30 10.71 5.57 2.97
C ALA B 30 10.06 6.03 4.26
N THR B 31 9.63 7.28 4.33
CA THR B 31 9.02 7.91 5.49
C THR B 31 7.64 8.45 5.13
N PRO B 32 6.63 8.25 5.97
CA PRO B 32 5.33 8.86 5.68
C PRO B 32 5.37 10.34 6.06
N TRP B 33 4.45 11.11 5.46
CA TRP B 33 4.30 12.49 5.90
C TRP B 33 4.06 12.57 7.40
N SER B 34 3.18 11.69 7.92
CA SER B 34 2.76 11.75 9.32
C SER B 34 3.95 11.79 10.28
N ASP B 35 5.03 11.07 9.95
CA ASP B 35 6.23 11.08 10.78
C ASP B 35 7.13 12.29 10.49
N ALA B 36 7.21 12.69 9.23
CA ALA B 36 8.09 13.81 8.87
C ALA B 36 7.66 15.09 9.54
N ALA B 37 6.34 15.30 9.71
CA ALA B 37 5.88 16.47 10.47
C ALA B 37 6.38 16.43 11.90
N ASP B 38 6.34 15.24 12.54
CA ASP B 38 6.90 15.08 13.89
C ASP B 38 8.42 15.33 13.91
N GLN B 39 9.14 15.00 12.82
CA GLN B 39 10.55 15.36 12.74
C GLN B 39 10.75 16.87 12.76
N LEU B 40 9.94 17.62 12.00
CA LEU B 40 10.06 19.07 12.02
C LEU B 40 9.79 19.64 13.40
N THR B 41 8.77 19.09 14.11
CA THR B 41 8.51 19.52 15.48
C THR B 41 9.74 19.30 16.36
N ASP B 42 10.29 18.06 16.36
CA ASP B 42 11.51 17.76 17.11
C ASP B 42 12.65 18.71 16.77
N LEU B 43 12.65 19.20 15.53
CA LEU B 43 13.64 20.17 15.10
C LEU B 43 13.45 21.53 15.80
N PHE B 44 12.21 22.04 15.88
CA PHE B 44 12.05 23.29 16.63
C PHE B 44 12.43 23.09 18.09
N ILE B 45 12.04 21.95 18.67
CA ILE B 45 12.28 21.71 20.09
C ILE B 45 13.78 21.76 20.39
N ASP B 46 14.57 20.91 19.70
CA ASP B 46 15.98 20.81 20.03
C ASP B 46 16.67 22.14 19.87
N LYS B 47 16.17 22.96 18.96
CA LYS B 47 16.83 24.20 18.62
C LYS B 47 16.26 25.40 19.36
N ALA B 48 15.25 25.21 20.22
CA ALA B 48 14.78 26.36 20.98
C ALA B 48 14.85 26.20 22.49
N ALA B 49 13.84 25.53 23.05
CA ALA B 49 13.68 25.49 24.50
C ALA B 49 14.23 24.15 24.95
N LEU B 50 15.45 24.17 25.45
CA LEU B 50 16.06 22.92 25.84
C LEU B 50 15.73 22.54 27.29
N ARG B 51 15.34 23.54 28.17
CA ARG B 51 15.32 23.23 29.60
C ARG B 51 13.89 22.96 30.06
N PRO B 52 13.65 21.90 30.83
CA PRO B 52 12.30 21.66 31.38
C PRO B 52 11.95 22.61 32.52
N GLY B 53 10.64 22.83 32.68
CA GLY B 53 10.10 23.83 33.59
C GLY B 53 9.85 25.19 32.96
N ALA B 54 10.42 25.45 31.79
CA ALA B 54 10.27 26.75 31.14
C ALA B 54 8.84 26.91 30.61
N HIS B 55 8.56 28.07 30.03
CA HIS B 55 7.25 28.40 29.50
C HIS B 55 7.37 28.74 28.02
N LEU B 56 6.49 28.14 27.21
CA LEU B 56 6.53 28.22 25.75
C LEU B 56 5.23 28.84 25.24
N PHE B 57 5.35 29.96 24.52
CA PHE B 57 4.21 30.57 23.85
C PHE B 57 4.23 30.15 22.37
N ASP B 58 3.19 29.46 21.92
CA ASP B 58 3.07 29.10 20.51
C ASP B 58 2.10 30.11 19.87
N LEU B 59 2.52 30.75 18.77
CA LEU B 59 1.74 31.82 18.19
C LEU B 59 0.55 31.24 17.44
N GLY B 60 0.74 30.68 16.24
CA GLY B 60 -0.34 29.86 15.75
C GLY B 60 -0.28 28.47 16.37
N CYS B 61 -1.21 28.11 17.26
CA CYS B 61 -1.05 26.82 17.92
C CYS B 61 -1.67 25.70 17.10
N GLY B 62 -2.59 26.05 16.21
CA GLY B 62 -3.24 25.10 15.34
C GLY B 62 -3.76 23.90 16.09
N ASN B 63 -3.52 22.73 15.50
CA ASN B 63 -4.05 21.51 16.07
C ASN B 63 -3.64 21.31 17.52
N GLY B 64 -2.49 21.82 17.94
CA GLY B 64 -1.99 21.56 19.27
C GLY B 64 -1.16 20.29 19.39
N GLN B 65 -1.23 19.39 18.40
CA GLN B 65 -0.39 18.21 18.48
C GLN B 65 1.06 18.62 18.75
N PRO B 66 1.72 19.40 17.86
CA PRO B 66 3.15 19.66 18.08
C PRO B 66 3.47 20.33 19.41
N VAL B 67 2.63 21.28 19.85
CA VAL B 67 2.75 21.84 21.19
C VAL B 67 2.82 20.73 22.24
N VAL B 68 1.87 19.80 22.19
CA VAL B 68 1.78 18.76 23.20
C VAL B 68 2.99 17.83 23.11
N ARG B 69 3.46 17.57 21.89
CA ARG B 69 4.67 16.78 21.71
C ARG B 69 5.86 17.44 22.41
N ALA B 70 5.90 18.77 22.38
CA ALA B 70 6.99 19.48 23.04
C ALA B 70 6.83 19.50 24.57
N ALA B 71 5.58 19.52 25.06
CA ALA B 71 5.39 19.48 26.51
C ALA B 71 5.73 18.10 27.08
N CYS B 72 5.54 17.04 26.30
CA CYS B 72 6.03 15.74 26.76
C CYS B 72 7.55 15.67 26.61
N ALA B 73 8.06 15.68 25.37
CA ALA B 73 9.48 15.42 25.13
C ALA B 73 10.39 16.33 25.95
N SER B 74 10.23 17.64 25.84
CA SER B 74 11.14 18.52 26.55
C SER B 74 10.63 18.86 27.94
N GLY B 75 9.37 18.52 28.25
CA GLY B 75 8.76 18.78 29.54
C GLY B 75 8.55 20.25 29.85
N VAL B 76 7.84 20.97 28.98
CA VAL B 76 7.69 22.41 29.09
C VAL B 76 6.22 22.74 29.34
N ARG B 77 5.95 23.89 29.97
CA ARG B 77 4.59 24.46 29.99
C ARG B 77 4.31 25.27 28.72
N VAL B 78 3.07 25.19 28.22
CA VAL B 78 2.75 25.77 26.91
C VAL B 78 1.50 26.66 27.02
N THR B 79 1.56 27.82 26.34
CA THR B 79 0.41 28.70 26.13
C THR B 79 0.33 28.99 24.64
N GLY B 80 -0.71 28.47 23.98
CA GLY B 80 -1.01 28.82 22.60
C GLY B 80 -2.15 29.82 22.53
N ILE B 81 -2.22 30.53 21.39
CA ILE B 81 -3.35 31.41 21.08
C ILE B 81 -3.81 31.10 19.67
N THR B 82 -5.08 31.39 19.39
CA THR B 82 -5.59 31.19 18.04
C THR B 82 -6.81 32.07 17.80
N VAL B 83 -7.04 32.42 16.54
CA VAL B 83 -8.30 33.00 16.10
C VAL B 83 -9.20 31.98 15.41
N ASN B 84 -8.74 30.75 15.23
CA ASN B 84 -9.54 29.68 14.64
C ASN B 84 -10.22 28.90 15.75
N ALA B 85 -11.56 28.90 15.73
CA ALA B 85 -12.33 28.36 16.84
C ALA B 85 -12.08 26.87 17.06
N GLN B 86 -12.11 26.06 15.99
CA GLN B 86 -11.96 24.62 16.19
C GLN B 86 -10.52 24.20 16.42
N HIS B 87 -9.56 25.06 16.08
CA HIS B 87 -8.16 24.86 16.51
C HIS B 87 -8.02 24.97 18.02
N LEU B 88 -8.54 26.06 18.60
CA LEU B 88 -8.62 26.17 20.06
C LEU B 88 -9.26 24.91 20.66
N ALA B 89 -10.29 24.38 20.00
CA ALA B 89 -11.03 23.24 20.53
C ALA B 89 -10.22 21.95 20.51
N ALA B 90 -9.68 21.58 19.33
CA ALA B 90 -8.82 20.39 19.26
C ALA B 90 -7.65 20.50 20.25
N ALA B 91 -7.04 21.70 20.33
CA ALA B 91 -5.91 21.91 21.22
C ALA B 91 -6.32 21.71 22.67
N THR B 92 -7.46 22.29 23.06
CA THR B 92 -7.94 22.18 24.44
C THR B 92 -8.31 20.74 24.80
N ARG B 93 -9.14 20.09 23.99
CA ARG B 93 -9.57 18.73 24.32
C ARG B 93 -8.36 17.81 24.43
N LEU B 94 -7.47 17.83 23.42
CA LEU B 94 -6.27 17.01 23.48
C LEU B 94 -5.42 17.37 24.68
N ALA B 95 -5.37 18.65 25.03
CA ALA B 95 -4.64 19.10 26.20
C ALA B 95 -5.18 18.44 27.47
N ASN B 96 -6.51 18.43 27.64
CA ASN B 96 -7.12 17.77 28.80
C ASN B 96 -6.83 16.28 28.78
N GLU B 97 -7.05 15.65 27.64
CA GLU B 97 -6.99 14.20 27.48
C GLU B 97 -5.59 13.63 27.57
N THR B 98 -4.54 14.46 27.55
CA THR B 98 -3.18 13.96 27.67
C THR B 98 -2.64 14.04 29.11
N GLY B 99 -3.50 14.42 30.07
CA GLY B 99 -3.07 14.70 31.43
C GLY B 99 -2.29 15.98 31.55
N LEU B 100 -2.23 16.76 30.47
CA LEU B 100 -1.49 18.01 30.37
C LEU B 100 -2.35 19.26 30.59
N ALA B 101 -3.62 19.09 30.96
CA ALA B 101 -4.51 20.25 31.12
C ALA B 101 -4.00 21.23 32.17
N GLY B 102 -3.11 20.82 33.07
CA GLY B 102 -2.69 21.69 34.16
C GLY B 102 -1.46 22.53 33.88
N SER B 103 -0.61 22.05 32.97
CA SER B 103 0.55 22.83 32.55
C SER B 103 0.21 23.66 31.34
N LEU B 104 -0.13 23.01 30.23
CA LEU B 104 -0.30 23.69 28.96
C LEU B 104 -1.77 24.11 28.80
N GLU B 105 -1.98 25.42 28.64
CA GLU B 105 -3.29 26.01 28.45
C GLU B 105 -3.38 26.75 27.11
N PHE B 106 -4.57 26.71 26.52
CA PHE B 106 -4.89 27.44 25.30
C PHE B 106 -5.97 28.48 25.61
N ASP B 107 -5.84 29.66 25.00
CA ASP B 107 -6.74 30.76 25.24
C ASP B 107 -6.98 31.44 23.90
N LEU B 108 -8.25 31.70 23.57
CA LEU B 108 -8.56 32.31 22.29
C LEU B 108 -8.10 33.75 22.32
N VAL B 109 -7.16 34.09 21.45
CA VAL B 109 -6.52 35.39 21.53
C VAL B 109 -6.16 35.83 20.12
N ASP B 110 -6.33 37.12 19.89
CA ASP B 110 -5.80 37.80 18.72
C ASP B 110 -4.27 37.81 18.78
N GLY B 111 -3.63 37.50 17.66
CA GLY B 111 -2.18 37.50 17.64
C GLY B 111 -1.51 38.84 17.52
N ALA B 112 -2.29 39.91 17.34
CA ALA B 112 -1.77 41.26 17.35
C ALA B 112 -1.60 41.82 18.77
N GLN B 113 -2.54 41.50 19.65
CA GLN B 113 -2.58 41.99 21.03
C GLN B 113 -2.51 40.83 22.01
N LEU B 114 -1.39 40.70 22.74
CA LEU B 114 -1.29 39.59 23.68
C LEU B 114 -1.60 40.06 25.09
N PRO B 115 -2.50 39.38 25.81
CA PRO B 115 -2.78 39.75 27.20
C PRO B 115 -1.62 39.48 28.14
N TYR B 116 -0.73 38.56 27.76
CA TYR B 116 0.36 38.12 28.61
C TYR B 116 1.25 39.33 28.92
N PRO B 117 1.93 39.34 30.05
CA PRO B 117 2.80 40.47 30.40
C PRO B 117 4.13 40.45 29.66
N ASP B 118 4.89 41.54 29.84
CA ASP B 118 6.19 41.69 29.21
C ASP B 118 7.21 40.70 29.78
N GLY B 119 8.14 40.25 28.93
CA GLY B 119 9.23 39.40 29.40
C GLY B 119 8.79 38.14 30.14
N PHE B 120 7.73 37.48 29.68
CA PHE B 120 7.10 36.37 30.40
C PHE B 120 7.68 35.00 30.01
N PHE B 121 7.57 34.60 28.74
CA PHE B 121 7.96 33.25 28.33
C PHE B 121 9.47 33.10 28.14
N GLN B 122 9.96 31.88 28.40
CA GLN B 122 11.34 31.52 28.10
C GLN B 122 11.54 31.04 26.66
N ALA B 123 10.47 30.69 25.95
CA ALA B 123 10.60 30.38 24.54
C ALA B 123 9.27 30.63 23.82
N ALA B 124 9.35 30.83 22.49
CA ALA B 124 8.16 31.02 21.68
C ALA B 124 8.32 30.35 20.32
N TRP B 125 7.17 29.99 19.72
CA TRP B 125 7.06 29.30 18.45
C TRP B 125 6.11 30.03 17.51
N ALA B 126 6.37 29.93 16.21
CA ALA B 126 5.30 30.00 15.21
C ALA B 126 5.58 28.92 14.17
N MET B 127 4.77 27.85 14.16
CA MET B 127 4.92 26.80 13.15
C MET B 127 3.98 27.10 11.99
N GLN B 128 4.54 27.59 10.89
CA GLN B 128 3.79 27.84 9.65
C GLN B 128 2.52 28.67 9.93
N SER B 129 2.53 29.47 11.00
CA SER B 129 1.46 30.42 11.30
C SER B 129 1.62 31.80 10.65
N VAL B 130 2.85 32.35 10.65
CA VAL B 130 3.00 33.80 10.47
C VAL B 130 2.77 34.26 9.03
N VAL B 131 3.11 33.44 8.03
CA VAL B 131 2.92 33.87 6.64
C VAL B 131 1.46 34.17 6.38
N GLN B 132 0.58 33.38 6.99
CA GLN B 132 -0.86 33.55 6.87
C GLN B 132 -1.48 34.28 8.06
N ILE B 133 -0.70 34.71 9.04
CA ILE B 133 -1.19 35.70 10.01
C ILE B 133 -1.20 37.06 9.32
N VAL B 134 -2.27 37.83 9.57
CA VAL B 134 -2.49 39.10 8.88
C VAL B 134 -1.63 40.22 9.47
N ASP B 135 -1.56 40.32 10.80
CA ASP B 135 -0.75 41.36 11.45
C ASP B 135 0.56 40.75 11.93
N GLN B 136 1.58 40.87 11.06
CA GLN B 136 2.89 40.25 11.18
C GLN B 136 3.88 41.04 12.03
N ALA B 137 4.02 42.33 11.73
CA ALA B 137 4.93 43.19 12.49
C ALA B 137 4.52 43.25 13.95
N ALA B 138 3.26 43.59 14.23
CA ALA B 138 2.76 43.63 15.60
C ALA B 138 2.89 42.28 16.28
N ALA B 139 2.58 41.20 15.55
CA ALA B 139 2.80 39.87 16.13
C ALA B 139 4.24 39.70 16.60
N ILE B 140 5.23 40.12 15.79
CA ILE B 140 6.63 39.81 16.13
C ILE B 140 7.24 40.80 17.14
N ARG B 141 6.98 42.11 17.01
CA ARG B 141 7.34 43.03 18.08
C ARG B 141 6.67 42.63 19.39
N GLU B 142 5.46 42.09 19.31
CA GLU B 142 4.76 41.54 20.47
C GLU B 142 5.54 40.38 21.08
N VAL B 143 5.99 39.42 20.25
CA VAL B 143 6.74 38.27 20.75
C VAL B 143 8.07 38.69 21.37
N HIS B 144 8.73 39.71 20.81
CA HIS B 144 9.92 40.26 21.45
C HIS B 144 9.59 40.87 22.81
N ARG B 145 8.51 41.66 22.88
CA ARG B 145 8.03 42.20 24.15
C ARG B 145 7.83 41.10 25.19
N ILE B 146 7.32 39.95 24.73
CA ILE B 146 6.91 38.85 25.62
C ILE B 146 8.12 38.03 26.11
N LEU B 147 9.18 37.91 25.33
CA LEU B 147 10.27 37.00 25.72
C LEU B 147 11.22 37.61 26.74
N GLU B 148 11.83 36.70 27.50
CA GLU B 148 13.03 36.98 28.29
C GLU B 148 14.17 37.41 27.36
N PRO B 149 15.01 38.35 27.78
CA PRO B 149 16.34 38.46 27.15
C PRO B 149 17.06 37.13 27.19
N GLY B 150 17.59 36.71 26.04
CA GLY B 150 18.16 35.39 25.90
C GLY B 150 17.16 34.31 25.54
N GLY B 151 15.86 34.59 25.66
CA GLY B 151 14.85 33.61 25.31
C GLY B 151 14.72 33.44 23.80
N ARG B 152 14.65 32.18 23.35
CA ARG B 152 14.57 31.83 21.94
C ARG B 152 13.15 31.89 21.34
N PHE B 153 13.09 32.12 20.02
CA PHE B 153 11.86 32.20 19.21
C PHE B 153 12.06 31.47 17.89
N VAL B 154 11.24 30.46 17.59
CA VAL B 154 11.43 29.60 16.41
C VAL B 154 10.18 29.67 15.54
N LEU B 155 10.31 30.28 14.37
CA LEU B 155 9.27 30.42 13.35
C LEU B 155 9.68 29.65 12.10
N GLY B 156 8.70 29.18 11.34
CA GLY B 156 8.97 28.64 10.02
C GLY B 156 7.78 28.88 9.11
N ASP B 157 8.04 28.97 7.81
CA ASP B 157 6.98 29.37 6.87
C ASP B 157 7.43 29.18 5.41
N ILE B 158 6.55 29.61 4.50
CA ILE B 158 6.68 29.36 3.06
C ILE B 158 7.36 30.54 2.37
N ILE B 159 8.20 30.24 1.36
CA ILE B 159 9.08 31.18 0.65
C ILE B 159 9.09 30.83 -0.84
N THR B 160 10.01 31.43 -1.59
CA THR B 160 10.25 31.02 -2.99
C THR B 160 11.53 30.21 -3.11
N ALA B 177 3.57 33.45 -0.23
CA ALA B 177 3.30 34.88 -0.08
C ALA B 177 4.61 35.68 0.00
N HIS B 178 5.44 35.36 0.99
CA HIS B 178 6.67 36.07 1.28
C HIS B 178 7.86 35.31 0.66
N THR B 179 9.06 35.83 0.86
CA THR B 179 10.27 35.19 0.37
C THR B 179 11.32 35.11 1.48
N LEU B 180 12.38 34.36 1.19
CA LEU B 180 13.42 34.05 2.15
C LEU B 180 14.04 35.31 2.77
N ASN B 181 14.24 36.35 1.95
CA ASN B 181 14.79 37.61 2.43
C ASN B 181 13.86 38.34 3.41
N SER B 182 12.58 38.46 3.05
CA SER B 182 11.68 39.36 3.78
C SER B 182 11.47 38.92 5.22
N PHE B 183 11.38 37.60 5.47
CA PHE B 183 11.28 37.09 6.84
C PHE B 183 12.47 37.51 7.68
N THR B 184 13.69 37.25 7.18
CA THR B 184 14.90 37.63 7.90
C THR B 184 14.86 39.11 8.23
N ALA B 185 14.30 39.91 7.31
CA ALA B 185 14.13 41.34 7.54
C ALA B 185 13.24 41.63 8.75
N LEU B 186 11.99 41.13 8.75
CA LEU B 186 11.08 41.52 9.84
C LEU B 186 11.58 41.03 11.20
N VAL B 187 12.18 39.83 11.26
CA VAL B 187 12.55 39.33 12.58
C VAL B 187 13.86 39.97 13.10
N SER B 188 14.82 40.33 12.23
CA SER B 188 15.98 41.06 12.75
C SER B 188 15.62 42.50 13.14
N GLU B 189 14.74 43.14 12.36
CA GLU B 189 14.27 44.51 12.64
C GLU B 189 13.16 44.62 13.68
N ALA B 190 12.64 43.52 14.24
CA ALA B 190 11.65 43.61 15.30
C ALA B 190 12.26 43.59 16.70
N GLY B 191 13.58 43.60 16.82
CA GLY B 191 14.28 43.63 18.09
C GLY B 191 15.00 42.34 18.43
N PHE B 192 14.75 41.27 17.67
CA PHE B 192 15.41 40.00 17.93
C PHE B 192 16.85 40.05 17.42
N GLU B 193 17.66 39.17 17.98
CA GLU B 193 19.05 38.96 17.57
C GLU B 193 19.04 37.73 16.68
N ILE B 194 19.18 37.90 15.37
CA ILE B 194 18.98 36.78 14.46
C ILE B 194 20.25 35.95 14.46
N LEU B 195 20.14 34.72 14.94
CA LEU B 195 21.28 33.84 14.92
C LEU B 195 21.22 32.72 13.88
N GLU B 196 20.08 32.51 13.22
CA GLU B 196 20.01 31.41 12.27
C GLU B 196 18.87 31.64 11.27
N VAL B 197 19.10 31.26 10.01
CA VAL B 197 18.06 31.19 8.98
C VAL B 197 18.44 30.09 8.00
N THR B 198 17.44 29.36 7.49
CA THR B 198 17.74 28.28 6.57
C THR B 198 16.63 28.08 5.53
N ASP B 199 17.07 27.83 4.28
CA ASP B 199 16.19 27.48 3.17
C ASP B 199 16.02 25.97 3.11
N LEU B 200 14.85 25.51 3.49
CA LEU B 200 14.50 24.10 3.54
C LEU B 200 13.74 23.63 2.30
N THR B 201 13.63 24.47 1.27
CA THR B 201 12.89 24.13 0.07
C THR B 201 13.30 22.71 -0.32
N ALA B 202 14.59 22.43 -0.18
CA ALA B 202 15.11 21.12 -0.51
C ALA B 202 14.48 20.01 0.34
N GLN B 203 14.25 20.27 1.62
CA GLN B 203 13.98 19.22 2.61
C GLN B 203 12.52 19.01 3.01
N THR B 204 11.57 19.72 2.41
CA THR B 204 10.21 19.72 2.94
C THR B 204 9.16 19.36 1.90
N ARG B 205 8.01 18.88 2.39
CA ARG B 205 6.79 18.75 1.58
C ARG B 205 5.52 18.99 2.38
N CYS B 206 4.55 19.61 1.70
CA CYS B 206 3.15 19.72 2.13
C CYS B 206 2.54 18.33 2.38
N MET B 207 1.72 18.22 3.42
CA MET B 207 0.91 17.01 3.62
C MET B 207 0.15 16.61 2.35
N VAL B 208 -0.62 17.54 1.77
CA VAL B 208 -1.40 17.20 0.59
C VAL B 208 -0.47 16.83 -0.57
N SER B 209 0.55 17.66 -0.78
CA SER B 209 1.51 17.38 -1.84
C SER B 209 2.11 15.98 -1.66
N TRP B 210 2.36 15.56 -0.41
CA TRP B 210 2.88 14.20 -0.19
C TRP B 210 1.86 13.14 -0.57
N TYR B 211 0.63 13.20 -0.04
CA TYR B 211 -0.39 12.21 -0.42
C TYR B 211 -0.49 12.06 -1.93
N VAL B 212 -0.48 13.18 -2.65
CA VAL B 212 -0.50 13.10 -4.11
C VAL B 212 0.77 12.41 -4.62
N ASP B 213 1.92 12.67 -3.98
CA ASP B 213 3.17 12.05 -4.40
C ASP B 213 3.08 10.53 -4.32
N GLU B 214 2.64 10.01 -3.16
CA GLU B 214 2.42 8.58 -2.97
C GLU B 214 1.54 7.98 -4.08
N LEU B 215 0.35 8.58 -4.26
CA LEU B 215 -0.58 8.06 -5.25
C LEU B 215 0.06 7.99 -6.64
N LEU B 216 0.58 9.12 -7.12
CA LEU B 216 1.08 9.13 -8.49
C LEU B 216 2.29 8.23 -8.66
N ARG B 217 3.08 8.05 -7.59
CA ARG B 217 4.16 7.07 -7.56
C ARG B 217 3.64 5.69 -7.90
N LYS B 218 2.84 5.13 -7.00
CA LYS B 218 2.39 3.77 -7.21
C LYS B 218 1.56 3.63 -8.50
N LEU B 219 0.86 4.68 -8.93
CA LEU B 219 0.14 4.55 -10.19
C LEU B 219 1.10 4.44 -11.36
N ASP B 220 2.24 5.10 -11.26
CA ASP B 220 3.16 5.06 -12.38
C ASP B 220 4.00 3.77 -12.38
N GLU B 221 4.32 3.20 -11.21
CA GLU B 221 4.87 1.85 -11.20
C GLU B 221 3.87 0.88 -11.83
N LEU B 222 2.67 0.82 -11.25
CA LEU B 222 1.63 -0.08 -11.70
C LEU B 222 1.35 0.09 -13.18
N ALA B 223 1.58 1.30 -13.70
CA ALA B 223 1.27 1.57 -15.09
C ALA B 223 2.12 0.68 -16.02
N GLY B 224 3.39 0.48 -15.66
CA GLY B 224 4.28 -0.40 -16.40
C GLY B 224 3.98 -1.89 -16.25
N VAL B 225 3.12 -2.29 -15.33
CA VAL B 225 2.82 -3.71 -15.13
C VAL B 225 1.48 -4.07 -15.76
N GLU B 226 0.39 -3.65 -15.13
CA GLU B 226 -0.96 -3.87 -15.62
C GLU B 226 -1.58 -2.48 -15.73
N PRO B 227 -1.47 -1.85 -16.89
CA PRO B 227 -2.07 -0.51 -17.04
C PRO B 227 -3.57 -0.48 -16.76
N ALA B 228 -4.29 -1.54 -17.10
CA ALA B 228 -5.73 -1.61 -16.82
C ALA B 228 -6.05 -1.55 -15.33
N ALA B 229 -5.09 -1.83 -14.46
CA ALA B 229 -5.41 -1.73 -13.06
C ALA B 229 -5.34 -0.29 -12.54
N VAL B 230 -4.73 0.64 -13.29
CA VAL B 230 -4.36 1.94 -12.70
C VAL B 230 -5.58 2.61 -12.08
N GLY B 231 -6.60 2.88 -12.90
CA GLY B 231 -7.82 3.49 -12.37
C GLY B 231 -8.31 2.77 -11.14
N THR B 232 -8.39 1.45 -11.20
CA THR B 232 -8.86 0.70 -10.06
C THR B 232 -8.00 0.96 -8.85
N TYR B 233 -6.67 0.80 -8.99
CA TYR B 233 -5.79 1.05 -7.87
C TYR B 233 -6.06 2.43 -7.31
N GLN B 234 -6.19 3.42 -8.21
CA GLN B 234 -6.43 4.80 -7.78
C GLN B 234 -7.64 4.87 -6.87
N GLN B 235 -8.79 4.33 -7.35
CA GLN B 235 -10.00 4.32 -6.52
C GLN B 235 -9.74 3.64 -5.19
N ARG B 236 -9.10 2.48 -5.20
CA ARG B 236 -8.81 1.83 -3.93
C ARG B 236 -7.97 2.74 -3.05
N TYR B 237 -6.93 3.34 -3.64
CA TYR B 237 -6.10 4.25 -2.87
C TYR B 237 -6.96 5.34 -2.25
N LEU B 238 -7.80 5.99 -3.08
CA LEU B 238 -8.69 7.03 -2.56
C LEU B 238 -9.61 6.49 -1.48
N GLY B 239 -10.18 5.31 -1.73
CA GLY B 239 -10.98 4.65 -0.71
C GLY B 239 -10.28 4.61 0.65
N ASP B 240 -8.99 4.19 0.67
CA ASP B 240 -8.30 4.06 1.96
C ASP B 240 -8.28 5.38 2.69
N ILE B 241 -7.97 6.46 1.97
CA ILE B 241 -8.03 7.79 2.56
C ILE B 241 -9.44 8.07 3.08
N ALA B 242 -10.44 7.87 2.21
CA ALA B 242 -11.81 8.07 2.64
C ALA B 242 -12.10 7.28 3.90
N ALA B 243 -11.55 6.06 3.98
CA ALA B 243 -11.79 5.24 5.15
C ALA B 243 -11.23 5.88 6.41
N LYS B 244 -9.98 6.34 6.34
CA LYS B 244 -9.30 6.81 7.55
C LYS B 244 -9.79 8.19 7.97
N HIS B 245 -9.77 9.14 7.02
CA HIS B 245 -9.94 10.55 7.32
C HIS B 245 -11.29 11.10 6.94
N GLY B 246 -12.14 10.29 6.36
CA GLY B 246 -13.41 10.77 5.93
C GLY B 246 -13.34 11.05 4.46
N PRO B 247 -14.50 11.18 3.81
CA PRO B 247 -14.53 11.31 2.35
C PRO B 247 -14.00 12.64 1.83
N GLY B 248 -14.25 13.75 2.53
CA GLY B 248 -13.77 15.02 2.05
C GLY B 248 -12.29 14.97 1.69
N PRO B 249 -11.44 14.57 2.64
CA PRO B 249 -10.00 14.52 2.34
C PRO B 249 -9.69 13.76 1.06
N ALA B 250 -10.30 12.58 0.89
CA ALA B 250 -10.03 11.77 -0.28
C ALA B 250 -10.36 12.53 -1.55
N GLN B 251 -11.57 13.10 -1.62
CA GLN B 251 -11.97 13.82 -2.82
C GLN B 251 -11.05 15.01 -3.04
N LEU B 252 -10.59 15.64 -1.95
CA LEU B 252 -9.55 16.64 -2.05
C LEU B 252 -8.41 16.11 -2.90
N ILE B 253 -7.75 15.08 -2.40
CA ILE B 253 -6.61 14.50 -3.10
C ILE B 253 -6.96 14.10 -4.53
N ALA B 254 -8.15 13.54 -4.75
CA ALA B 254 -8.50 13.13 -6.11
C ALA B 254 -8.41 14.30 -7.07
N ALA B 255 -8.80 15.48 -6.63
CA ALA B 255 -8.73 16.63 -7.52
C ALA B 255 -7.27 17.07 -7.70
N VAL B 256 -6.49 17.12 -6.61
CA VAL B 256 -5.09 17.53 -6.73
C VAL B 256 -4.35 16.60 -7.69
N ALA B 257 -4.57 15.29 -7.53
CA ALA B 257 -4.05 14.31 -8.49
C ALA B 257 -4.42 14.68 -9.92
N GLU B 258 -5.71 14.95 -10.19
CA GLU B 258 -6.08 15.29 -11.57
C GLU B 258 -5.37 16.56 -12.05
N TYR B 259 -5.05 17.50 -11.16
CA TYR B 259 -4.36 18.70 -11.65
C TYR B 259 -2.86 18.46 -11.82
N ARG B 260 -2.27 17.46 -11.15
CA ARG B 260 -0.85 17.16 -11.34
C ARG B 260 -0.58 16.13 -12.44
N LYS B 261 -1.62 15.49 -12.97
CA LYS B 261 -1.57 14.75 -14.23
C LYS B 261 -1.71 15.69 -15.43
N HIS B 262 -1.70 16.98 -15.14
CA HIS B 262 -1.65 18.05 -16.10
C HIS B 262 -0.36 18.83 -15.84
N PRO B 263 0.40 19.17 -16.87
CA PRO B 263 1.67 19.90 -16.68
C PRO B 263 1.55 21.37 -16.27
N ASP B 264 0.38 22.01 -16.38
CA ASP B 264 0.25 23.38 -15.85
C ASP B 264 0.61 23.46 -14.37
N TYR B 265 0.71 22.32 -13.70
CA TYR B 265 1.25 22.25 -12.35
C TYR B 265 2.78 22.31 -12.31
N ALA B 266 3.46 21.83 -13.35
CA ALA B 266 4.81 21.27 -13.21
C ALA B 266 5.75 22.20 -12.44
N ARG B 267 5.90 23.46 -12.89
CA ARG B 267 6.81 24.36 -12.19
C ARG B 267 6.16 25.04 -10.97
N ASN B 268 4.84 24.93 -10.82
CA ASN B 268 4.15 25.57 -9.70
C ASN B 268 4.52 24.99 -8.34
N GLU B 269 5.04 23.76 -8.30
CA GLU B 269 5.39 23.15 -7.02
C GLU B 269 6.46 23.91 -6.25
N GLU B 270 7.69 23.92 -6.77
CA GLU B 270 8.86 24.38 -6.02
C GLU B 270 9.05 25.89 -6.06
N SER B 271 8.22 26.63 -6.81
CA SER B 271 8.30 28.09 -6.79
C SER B 271 7.99 28.66 -5.41
N MET B 272 7.43 27.83 -4.52
CA MET B 272 7.40 28.04 -3.08
C MET B 272 8.35 27.02 -2.44
N GLY B 273 8.87 27.35 -1.27
CA GLY B 273 9.79 26.52 -0.53
C GLY B 273 9.54 26.74 0.94
N PHE B 274 10.34 26.12 1.78
CA PHE B 274 10.11 26.25 3.22
C PHE B 274 11.35 26.83 3.87
N MET B 275 11.14 27.62 4.91
CA MET B 275 12.19 28.32 5.63
C MET B 275 12.04 28.11 7.13
N LEU B 276 13.19 28.12 7.82
CA LEU B 276 13.22 28.03 9.27
C LEU B 276 14.04 29.18 9.85
N LEU B 277 13.46 29.83 10.86
CA LEU B 277 14.00 30.99 11.57
C LEU B 277 14.09 30.70 13.06
N GLN B 278 15.30 30.83 13.63
CA GLN B 278 15.44 30.88 15.08
C GLN B 278 16.16 32.16 15.48
N ALA B 279 15.57 32.88 16.43
CA ALA B 279 16.11 34.16 16.88
C ALA B 279 16.19 34.13 18.41
N ARG B 280 16.95 35.07 18.97
CA ARG B 280 17.11 35.19 20.41
C ARG B 280 17.13 36.66 20.78
N LYS B 281 16.72 36.98 22.01
CA LYS B 281 16.71 38.36 22.49
C LYS B 281 17.96 38.66 23.31
N LYS B 282 18.53 39.86 23.11
CA LYS B 282 19.77 40.24 23.77
C LYS B 282 19.56 40.47 25.26
N GLN B 283 20.61 40.18 26.04
CA GLN B 283 20.68 40.45 27.49
C GLN B 283 20.24 41.87 27.86
#